data_3DIQ
#
_entry.id   3DIQ
#
_cell.length_a   53.746
_cell.length_b   78.794
_cell.length_c   140.069
_cell.angle_alpha   90.00
_cell.angle_beta   90.00
_cell.angle_gamma   90.00
#
_symmetry.space_group_name_H-M   'P 21 21 21'
#
loop_
_entity.id
_entity.type
_entity.pdbx_description
1 polymer 'RNA (174-MER)'
2 non-polymer 'POTASSIUM ION'
3 non-polymer 'SODIUM ION'
4 non-polymer L-HOMOARGININE
5 non-polymer 'PENTAETHYLENE GLYCOL'
6 water water
#
_entity_poly.entity_id   1
_entity_poly.type   'polyribonucleotide'
_entity_poly.pdbx_seq_one_letter_code
;GGCCGACGGAGGCGCGCCCGAGAUGAGUAGGCUGUCCCAUCAGGGGAGGAAUCGGGGACGGCUGAAAGGCGAGGGCGCCG
AAGGGUGCAGAGUUCCUCCCGCUCUGCAUGCCUGGGGGUAUGGGGAAUACCCAUACCACUGUCACGGAGGUCUCUCCGUG
GAGAGCCGUCGGU(CCC)
;
_entity_poly.pdbx_strand_id   A
#